data_7UG1
#
_entry.id   7UG1
#
_cell.length_a   53.180
_cell.length_b   69.120
_cell.length_c   72.200
_cell.angle_alpha   90.000
_cell.angle_beta   90.000
_cell.angle_gamma   90.000
#
_symmetry.space_group_name_H-M   'P 21 21 21'
#
loop_
_entity.id
_entity.type
_entity.pdbx_description
1 polymer 'Cyclin-dependent kinase 2'
2 non-polymer '8-(4-chloroanilino)naphthalene-1-sulfonic acid'
3 non-polymer 'PHOSPHATE ION'
4 non-polymer 1,2-ETHANEDIOL
5 water water
#
_entity_poly.entity_id   1
_entity_poly.type   'polypeptide(L)'
_entity_poly.pdbx_seq_one_letter_code
;GPLGSPEFMENFQKVEKIGEGTYGVVYKARNKLTGEVVALKKIRLDTETEGVPSTAIREISLLKELNHPNIVKLLDVIHT
ENKLYLVFEFLHQDLKKFMDASALTGIPLPLIKSYLFQLLQGLAFCHSHRVLHRDLKPQNLLINTEGAIKLADFGLARAF
GVPVRTYTHEVVTLWYRAPEILLGCKYYSTAVDIWSLGCIFAEMVTRRALFPGDSEIDQLFRIFRTLGTPDEVVWPGVTS
MPDYKPSFPKWARQDFSKVVPPLDEDGRSLLSQMLHYDPNKRISAKAALAHPFFQDVTKPVPHLRL
;
_entity_poly.pdbx_strand_id   A
#
loop_
_chem_comp.id
_chem_comp.type
_chem_comp.name
_chem_comp.formula
EDO non-polymer 1,2-ETHANEDIOL 'C2 H6 O2'
N5R non-polymer '8-(4-chloroanilino)naphthalene-1-sulfonic acid' 'C16 H12 Cl N O3 S'
PO4 non-polymer 'PHOSPHATE ION' 'O4 P -3'
#
# COMPACT_ATOMS: atom_id res chain seq x y z
N SER A 5 -12.01 26.67 -15.98
CA SER A 5 -12.68 26.60 -14.68
C SER A 5 -14.11 27.13 -14.77
N PRO A 6 -15.10 26.33 -14.34
CA PRO A 6 -14.98 24.95 -13.86
C PRO A 6 -14.74 24.00 -14.99
N GLU A 7 -14.22 22.81 -14.68
N GLU A 7 -14.23 22.81 -14.68
CA GLU A 7 -14.22 21.74 -15.65
CA GLU A 7 -14.21 21.73 -15.65
C GLU A 7 -15.55 21.00 -15.57
C GLU A 7 -15.53 20.95 -15.57
N PHE A 8 -15.95 20.44 -16.71
CA PHE A 8 -17.16 19.63 -16.80
C PHE A 8 -16.77 18.32 -17.45
N MET A 9 -17.55 17.26 -17.16
CA MET A 9 -17.25 15.96 -17.75
C MET A 9 -17.29 16.02 -19.27
N GLU A 10 -18.11 16.90 -19.84
CA GLU A 10 -18.13 17.06 -21.30
C GLU A 10 -16.80 17.56 -21.84
N ASN A 11 -15.98 18.22 -20.99
CA ASN A 11 -14.69 18.70 -21.47
C ASN A 11 -13.66 17.59 -21.62
N PHE A 12 -14.00 16.36 -21.24
CA PHE A 12 -13.07 15.25 -21.24
C PHE A 12 -13.53 14.19 -22.24
N GLN A 13 -12.59 13.67 -23.02
CA GLN A 13 -12.84 12.60 -23.96
C GLN A 13 -12.27 11.32 -23.35
N LYS A 14 -13.10 10.30 -23.19
CA LYS A 14 -12.57 9.04 -22.71
C LYS A 14 -11.63 8.44 -23.75
N VAL A 15 -10.50 7.91 -23.30
CA VAL A 15 -9.54 7.29 -24.20
C VAL A 15 -9.62 5.78 -24.07
N GLU A 16 -9.35 5.27 -22.88
CA GLU A 16 -9.39 3.83 -22.61
C GLU A 16 -9.48 3.62 -21.11
N LYS A 17 -10.09 2.49 -20.75
CA LYS A 17 -10.01 2.01 -19.37
C LYS A 17 -8.58 1.62 -19.06
N ILE A 18 -8.02 2.17 -17.98
CA ILE A 18 -6.65 1.83 -17.60
C ILE A 18 -6.61 0.92 -16.38
N GLY A 19 -7.72 0.26 -16.08
CA GLY A 19 -7.75 -0.75 -15.06
C GLY A 19 -8.86 -0.51 -14.06
N GLU A 20 -8.86 -1.35 -13.03
CA GLU A 20 -9.83 -1.23 -11.97
C GLU A 20 -9.15 -0.66 -10.74
N GLY A 21 -9.89 -0.60 -9.65
CA GLY A 21 -9.38 -0.07 -8.40
C GLY A 21 -10.48 -0.15 -7.36
N THR A 22 -10.16 0.29 -6.15
CA THR A 22 -11.11 0.21 -5.05
C THR A 22 -12.44 0.85 -5.40
N TYR A 23 -12.48 1.73 -6.40
CA TYR A 23 -13.73 2.36 -6.84
C TYR A 23 -14.12 1.93 -8.25
N GLY A 24 -13.69 0.75 -8.66
CA GLY A 24 -14.05 0.25 -9.98
C GLY A 24 -13.17 0.77 -11.09
N VAL A 25 -13.78 1.10 -12.23
CA VAL A 25 -13.00 1.40 -13.43
C VAL A 25 -12.34 2.77 -13.30
N VAL A 26 -11.08 2.85 -13.71
CA VAL A 26 -10.34 4.10 -13.89
C VAL A 26 -10.13 4.28 -15.39
N TYR A 27 -10.35 5.49 -15.88
CA TYR A 27 -10.27 5.76 -17.32
C TYR A 27 -9.11 6.70 -17.64
N LYS A 28 -8.38 6.38 -18.71
CA LYS A 28 -7.59 7.41 -19.35
C LYS A 28 -8.53 8.34 -20.12
N ALA A 29 -8.36 9.63 -19.94
CA ALA A 29 -9.18 10.60 -20.64
C ALA A 29 -8.31 11.74 -21.12
N ARG A 30 -8.84 12.53 -22.05
CA ARG A 30 -8.12 13.67 -22.61
C ARG A 30 -8.94 14.94 -22.45
N ASN A 31 -8.31 15.98 -21.90
CA ASN A 31 -8.93 17.30 -21.81
C ASN A 31 -9.06 17.88 -23.22
N LYS A 32 -10.30 18.01 -23.70
CA LYS A 32 -10.52 18.57 -25.03
C LYS A 32 -10.02 20.00 -25.14
N LEU A 33 -10.08 20.76 -24.05
CA LEU A 33 -9.64 22.15 -24.06
C LEU A 33 -8.12 22.26 -24.12
N THR A 34 -7.43 21.45 -23.31
CA THR A 34 -5.98 21.61 -23.14
C THR A 34 -5.16 20.53 -23.81
N GLY A 35 -5.75 19.38 -24.15
CA GLY A 35 -4.99 18.26 -24.69
C GLY A 35 -4.33 17.40 -23.64
N GLU A 36 -4.35 17.81 -22.37
CA GLU A 36 -3.75 17.03 -21.30
C GLU A 36 -4.47 15.70 -21.14
N VAL A 37 -3.70 14.61 -21.03
CA VAL A 37 -4.28 13.33 -20.63
C VAL A 37 -4.28 13.28 -19.11
N VAL A 38 -5.32 12.68 -18.55
CA VAL A 38 -5.53 12.54 -17.13
C VAL A 38 -6.07 11.14 -16.87
N ALA A 39 -6.14 10.79 -15.59
CA ALA A 39 -6.84 9.60 -15.13
C ALA A 39 -8.10 10.01 -14.37
N LEU A 40 -9.23 9.43 -14.72
CA LEU A 40 -10.53 9.77 -14.12
C LEU A 40 -11.07 8.61 -13.32
N LYS A 41 -11.43 8.89 -12.07
CA LYS A 41 -12.11 7.94 -11.21
C LYS A 41 -13.52 8.44 -10.98
N LYS A 42 -14.50 7.55 -11.15
CA LYS A 42 -15.91 7.87 -10.91
C LYS A 42 -16.34 7.30 -9.57
N ILE A 43 -16.93 8.14 -8.73
CA ILE A 43 -17.37 7.71 -7.41
C ILE A 43 -18.87 7.92 -7.33
N ARG A 44 -19.60 6.80 -7.19
CA ARG A 44 -21.05 6.87 -7.06
C ARG A 44 -21.39 7.12 -5.60
N LEU A 45 -22.11 8.21 -5.36
CA LEU A 45 -22.48 8.61 -4.01
C LEU A 45 -23.72 7.86 -3.54
N VAL A 52 -22.33 10.93 4.53
CA VAL A 52 -20.93 10.61 4.78
C VAL A 52 -20.58 10.97 6.22
N PRO A 53 -20.03 10.01 6.97
CA PRO A 53 -19.73 10.23 8.39
C PRO A 53 -18.78 11.41 8.59
N SER A 54 -18.95 12.08 9.74
CA SER A 54 -18.15 13.27 10.04
C SER A 54 -16.67 12.96 10.08
N THR A 55 -16.30 11.84 10.72
CA THR A 55 -14.90 11.44 10.72
C THR A 55 -14.40 11.16 9.30
N ALA A 56 -15.32 10.78 8.39
CA ALA A 56 -14.92 10.47 7.03
C ALA A 56 -14.66 11.72 6.21
N ILE A 57 -15.54 12.73 6.35
CA ILE A 57 -15.30 14.01 5.69
C ILE A 57 -13.95 14.57 6.12
N ARG A 58 -13.63 14.43 7.41
CA ARG A 58 -12.39 15.00 7.92
C ARG A 58 -11.18 14.26 7.37
N GLU A 59 -11.26 12.94 7.22
CA GLU A 59 -10.14 12.18 6.67
C GLU A 59 -9.94 12.46 5.19
N ILE A 60 -11.03 12.63 4.45
CA ILE A 60 -10.94 13.02 3.05
C ILE A 60 -10.27 14.39 2.93
N SER A 61 -10.64 15.32 3.80
CA SER A 61 -10.00 16.63 3.78
C SER A 61 -8.51 16.51 4.10
N LEU A 62 -8.15 15.66 5.05
CA LEU A 62 -6.73 15.46 5.34
C LEU A 62 -5.98 14.91 4.14
N LEU A 63 -6.56 13.93 3.45
CA LEU A 63 -5.88 13.38 2.29
C LEU A 63 -5.76 14.41 1.17
N LYS A 64 -6.81 15.22 0.97
CA LYS A 64 -6.75 16.26 -0.04
C LYS A 64 -5.64 17.27 0.26
N GLU A 65 -5.30 17.46 1.53
CA GLU A 65 -4.28 18.46 1.88
C GLU A 65 -2.90 18.01 1.42
N LEU A 66 -2.69 16.71 1.24
CA LEU A 66 -1.36 16.17 1.02
C LEU A 66 -0.87 16.51 -0.40
N ASN A 67 0.33 17.07 -0.47
CA ASN A 67 1.00 17.33 -1.74
C ASN A 67 2.41 16.77 -1.62
N HIS A 68 2.71 15.72 -2.37
CA HIS A 68 4.00 15.06 -2.18
C HIS A 68 4.39 14.31 -3.44
N PRO A 69 5.68 14.24 -3.79
CA PRO A 69 6.08 13.56 -5.03
C PRO A 69 5.65 12.11 -5.10
N ASN A 70 5.47 11.45 -3.95
CA ASN A 70 5.13 10.03 -3.90
C ASN A 70 3.68 9.78 -3.49
N ILE A 71 2.81 10.74 -3.78
CA ILE A 71 1.36 10.57 -3.64
C ILE A 71 0.75 11.02 -4.96
N VAL A 72 -0.08 10.18 -5.57
CA VAL A 72 -0.66 10.54 -6.86
C VAL A 72 -1.39 11.88 -6.74
N LYS A 73 -1.17 12.73 -7.73
CA LYS A 73 -1.64 14.12 -7.65
C LYS A 73 -3.10 14.20 -8.09
N LEU A 74 -3.95 14.72 -7.20
CA LEU A 74 -5.34 14.98 -7.54
C LEU A 74 -5.42 16.38 -8.13
N LEU A 75 -5.92 16.48 -9.36
CA LEU A 75 -5.96 17.76 -10.05
C LEU A 75 -7.28 18.47 -9.88
N ASP A 76 -8.38 17.74 -9.75
CA ASP A 76 -9.70 18.36 -9.71
C ASP A 76 -10.74 17.35 -9.27
N VAL A 77 -11.87 17.88 -8.79
CA VAL A 77 -12.99 17.09 -8.33
C VAL A 77 -14.23 17.72 -8.96
N ILE A 78 -14.94 16.94 -9.78
CA ILE A 78 -16.08 17.43 -10.54
C ILE A 78 -17.33 16.76 -9.98
N HIS A 79 -18.26 17.58 -9.50
CA HIS A 79 -19.53 17.10 -8.92
C HIS A 79 -20.63 17.21 -9.98
N THR A 80 -21.33 16.11 -10.22
CA THR A 80 -22.52 16.09 -11.08
C THR A 80 -23.54 15.14 -10.47
N GLU A 81 -24.62 15.69 -9.94
CA GLU A 81 -25.75 14.91 -9.41
C GLU A 81 -25.30 13.86 -8.41
N ASN A 82 -25.52 12.59 -8.75
CA ASN A 82 -25.09 11.47 -7.92
C ASN A 82 -23.61 11.14 -8.07
N LYS A 83 -22.88 11.88 -8.89
CA LYS A 83 -21.54 11.46 -9.29
C LYS A 83 -20.48 12.42 -8.75
N LEU A 84 -19.33 11.83 -8.44
CA LEU A 84 -18.09 12.53 -8.19
C LEU A 84 -17.07 11.99 -9.20
N TYR A 85 -16.43 12.88 -9.94
CA TYR A 85 -15.35 12.49 -10.88
C TYR A 85 -14.04 13.07 -10.36
N LEU A 86 -13.12 12.19 -9.98
CA LEU A 86 -11.81 12.62 -9.49
C LEU A 86 -10.87 12.67 -10.68
N VAL A 87 -10.24 13.81 -10.90
CA VAL A 87 -9.31 14.02 -12.00
C VAL A 87 -7.90 13.97 -11.44
N PHE A 88 -7.15 12.92 -11.79
CA PHE A 88 -5.79 12.71 -11.36
C PHE A 88 -4.82 12.90 -12.52
N GLU A 89 -3.56 13.18 -12.17
CA GLU A 89 -2.47 13.04 -13.12
C GLU A 89 -2.54 11.67 -13.79
N PHE A 90 -2.16 11.62 -15.07
CA PHE A 90 -2.20 10.36 -15.79
C PHE A 90 -0.99 9.53 -15.46
N LEU A 91 -1.25 8.32 -14.99
CA LEU A 91 -0.27 7.28 -14.85
C LEU A 91 -0.99 6.01 -15.27
N HIS A 92 -0.26 5.07 -15.79
CA HIS A 92 -0.91 3.87 -16.29
C HIS A 92 -0.06 2.62 -16.11
N GLN A 93 1.04 2.70 -15.37
CA GLN A 93 1.70 1.48 -14.93
C GLN A 93 1.65 1.41 -13.41
N ASP A 94 1.63 0.20 -12.87
CA ASP A 94 1.65 0.04 -11.44
C ASP A 94 2.62 -1.07 -11.08
N LEU A 95 2.91 -1.20 -9.78
CA LEU A 95 3.95 -2.13 -9.37
C LEU A 95 3.55 -3.58 -9.64
N LYS A 96 2.27 -3.92 -9.52
CA LYS A 96 1.87 -5.29 -9.81
C LYS A 96 2.09 -5.62 -11.29
N LYS A 97 1.66 -4.72 -12.18
CA LYS A 97 1.87 -4.96 -13.61
C LYS A 97 3.35 -5.01 -13.95
N PHE A 98 4.14 -4.15 -13.32
CA PHE A 98 5.58 -4.14 -13.54
C PHE A 98 6.25 -5.40 -13.00
N MET A 99 5.81 -5.90 -11.85
CA MET A 99 6.38 -7.14 -11.34
C MET A 99 6.03 -8.31 -12.26
N ASP A 100 4.81 -8.34 -12.78
CA ASP A 100 4.41 -9.42 -13.67
C ASP A 100 5.23 -9.40 -14.95
N ALA A 101 5.46 -8.21 -15.53
CA ALA A 101 6.28 -8.11 -16.72
C ALA A 101 7.75 -8.38 -16.45
N SER A 102 8.16 -8.32 -15.18
CA SER A 102 9.54 -8.59 -14.80
C SER A 102 9.71 -9.95 -14.14
N ALA A 103 8.73 -10.84 -14.27
CA ALA A 103 8.78 -12.10 -13.52
C ALA A 103 9.93 -12.97 -14.00
N LEU A 104 10.23 -12.94 -15.30
CA LEU A 104 11.32 -13.75 -15.85
C LEU A 104 12.65 -13.40 -15.22
N THR A 105 12.87 -12.13 -14.95
CA THR A 105 14.16 -11.64 -14.50
C THR A 105 14.14 -11.03 -13.11
N GLY A 106 12.99 -10.56 -12.65
CA GLY A 106 12.95 -9.83 -11.40
C GLY A 106 13.31 -8.37 -11.59
N ILE A 107 12.71 -7.53 -10.76
CA ILE A 107 13.10 -6.12 -10.75
C ILE A 107 14.53 -6.01 -10.23
N PRO A 108 15.41 -5.28 -10.90
CA PRO A 108 16.78 -5.11 -10.39
C PRO A 108 16.79 -4.47 -9.01
N LEU A 109 17.77 -4.89 -8.20
CA LEU A 109 17.85 -4.41 -6.81
C LEU A 109 17.93 -2.89 -6.69
N PRO A 110 18.70 -2.16 -7.50
CA PRO A 110 18.67 -0.69 -7.36
C PRO A 110 17.28 -0.09 -7.54
N LEU A 111 16.44 -0.68 -8.39
CA LEU A 111 15.07 -0.20 -8.54
C LEU A 111 14.19 -0.60 -7.36
N ILE A 112 14.37 -1.84 -6.86
CA ILE A 112 13.71 -2.24 -5.62
C ILE A 112 14.03 -1.25 -4.51
N LYS A 113 15.32 -0.95 -4.32
CA LYS A 113 15.70 0.01 -3.28
C LYS A 113 15.06 1.37 -3.50
N SER A 114 15.10 1.86 -4.74
CA SER A 114 14.58 3.19 -5.01
C SER A 114 13.08 3.26 -4.74
N TYR A 115 12.33 2.25 -5.20
CA TYR A 115 10.89 2.22 -4.97
C TYR A 115 10.56 2.12 -3.49
N LEU A 116 11.26 1.23 -2.77
CA LEU A 116 11.01 1.10 -1.34
C LEU A 116 11.34 2.39 -0.60
N PHE A 117 12.45 3.03 -0.95
CA PHE A 117 12.82 4.31 -0.33
C PHE A 117 11.74 5.38 -0.57
N GLN A 118 11.30 5.52 -1.81
CA GLN A 118 10.27 6.52 -2.13
C GLN A 118 8.95 6.24 -1.42
N LEU A 119 8.53 4.96 -1.39
CA LEU A 119 7.31 4.61 -0.68
C LEU A 119 7.42 4.94 0.80
N LEU A 120 8.60 4.72 1.39
CA LEU A 120 8.79 5.10 2.79
C LEU A 120 8.71 6.62 2.95
N GLN A 121 9.24 7.36 1.96
CA GLN A 121 9.13 8.82 2.01
C GLN A 121 7.67 9.27 1.97
N GLY A 122 6.88 8.70 1.05
CA GLY A 122 5.47 9.04 0.97
C GLY A 122 4.72 8.65 2.23
N LEU A 123 5.02 7.47 2.78
CA LEU A 123 4.36 7.04 4.00
C LEU A 123 4.77 7.89 5.19
N ALA A 124 6.06 8.23 5.30
CA ALA A 124 6.49 9.12 6.37
C ALA A 124 5.71 10.43 6.34
N PHE A 125 5.50 10.96 5.14
CA PHE A 125 4.77 12.21 4.98
C PHE A 125 3.31 12.06 5.36
N CYS A 126 2.64 11.02 4.86
CA CYS A 126 1.26 10.76 5.27
C CYS A 126 1.15 10.66 6.79
N HIS A 127 2.00 9.80 7.38
CA HIS A 127 1.89 9.49 8.80
C HIS A 127 2.15 10.72 9.66
N SER A 128 3.02 11.62 9.24
CA SER A 128 3.25 12.82 10.02
C SER A 128 2.08 13.79 9.91
N HIS A 129 1.25 13.64 8.88
CA HIS A 129 0.02 14.42 8.71
C HIS A 129 -1.21 13.65 9.18
N ARG A 130 -1.02 12.57 9.96
CA ARG A 130 -2.08 11.79 10.58
C ARG A 130 -2.94 11.05 9.56
N VAL A 131 -2.35 10.75 8.40
CA VAL A 131 -3.03 10.03 7.33
C VAL A 131 -2.38 8.65 7.22
N LEU A 132 -3.21 7.61 7.28
CA LEU A 132 -2.76 6.25 7.01
C LEU A 132 -3.26 5.81 5.65
N HIS A 133 -2.53 4.90 5.02
CA HIS A 133 -3.05 4.37 3.76
C HIS A 133 -4.08 3.26 4.01
N ARG A 134 -3.69 2.24 4.77
CA ARG A 134 -4.52 1.15 5.28
C ARG A 134 -4.74 0.05 4.26
N ASP A 135 -4.43 0.24 2.98
CA ASP A 135 -4.68 -0.79 1.98
C ASP A 135 -3.55 -0.83 0.96
N LEU A 136 -2.30 -0.81 1.43
CA LEU A 136 -1.16 -0.84 0.54
C LEU A 136 -1.06 -2.19 -0.16
N LYS A 137 -1.03 -2.19 -1.48
CA LYS A 137 -0.74 -3.40 -2.23
C LYS A 137 -0.12 -3.00 -3.56
N PRO A 138 0.57 -3.93 -4.24
CA PRO A 138 1.33 -3.52 -5.43
C PRO A 138 0.49 -2.85 -6.51
N GLN A 139 -0.76 -3.26 -6.68
CA GLN A 139 -1.61 -2.65 -7.69
C GLN A 139 -1.99 -1.21 -7.35
N ASN A 140 -1.90 -0.81 -6.08
CA ASN A 140 -2.19 0.57 -5.68
C ASN A 140 -1.01 1.50 -5.82
N LEU A 141 0.11 1.03 -6.37
CA LEU A 141 1.35 1.80 -6.38
C LEU A 141 1.71 2.12 -7.81
N LEU A 142 1.55 3.39 -8.19
CA LEU A 142 1.65 3.83 -9.56
C LEU A 142 3.08 4.28 -9.88
N ILE A 143 3.54 3.98 -11.10
CA ILE A 143 4.90 4.32 -11.51
C ILE A 143 4.88 5.08 -12.82
N ASN A 144 5.85 5.98 -12.99
CA ASN A 144 5.95 6.77 -14.22
C ASN A 144 7.28 6.50 -14.92
N THR A 145 7.45 7.12 -16.08
CA THR A 145 8.61 6.81 -16.92
C THR A 145 9.92 7.20 -16.27
N GLU A 146 9.91 8.22 -15.41
CA GLU A 146 11.11 8.80 -14.83
C GLU A 146 11.54 8.16 -13.51
N GLY A 147 10.93 7.05 -13.12
CA GLY A 147 11.39 6.32 -11.96
C GLY A 147 10.67 6.62 -10.66
N ALA A 148 9.62 7.44 -10.68
CA ALA A 148 8.86 7.70 -9.46
C ALA A 148 7.85 6.58 -9.21
N ILE A 149 7.50 6.40 -7.94
CA ILE A 149 6.43 5.49 -7.56
C ILE A 149 5.54 6.24 -6.57
N LYS A 150 4.24 6.06 -6.68
CA LYS A 150 3.31 6.91 -5.94
C LYS A 150 2.19 6.12 -5.27
N LEU A 151 1.84 6.55 -4.05
CA LEU A 151 0.73 5.99 -3.30
C LEU A 151 -0.60 6.37 -3.95
N ALA A 152 -1.52 5.41 -4.00
CA ALA A 152 -2.86 5.65 -4.53
C ALA A 152 -3.83 4.64 -3.91
N ASP A 153 -5.12 4.85 -4.19
CA ASP A 153 -6.21 4.02 -3.68
C ASP A 153 -6.10 3.82 -2.16
N PHE A 154 -6.01 4.93 -1.46
CA PHE A 154 -6.08 4.93 0.00
C PHE A 154 -7.35 4.24 0.49
N GLY A 155 -7.24 3.54 1.62
CA GLY A 155 -8.31 2.67 2.10
C GLY A 155 -9.34 3.32 3.02
N LEU A 156 -9.58 4.61 2.88
CA LEU A 156 -10.36 5.29 3.91
C LEU A 156 -11.87 5.10 3.76
N ALA A 157 -12.37 4.71 2.57
CA ALA A 157 -13.81 4.50 2.43
C ALA A 157 -14.27 3.32 3.28
N ARG A 158 -13.63 2.16 3.14
CA ARG A 158 -14.03 1.02 3.95
C ARG A 158 -13.61 1.19 5.40
N ALA A 159 -12.57 1.99 5.67
CA ALA A 159 -12.10 2.19 7.04
C ALA A 159 -13.04 3.09 7.84
N PHE A 160 -13.64 4.10 7.20
CA PHE A 160 -14.49 5.07 7.89
C PHE A 160 -15.95 4.96 7.48
N GLY A 161 -16.37 3.81 6.96
CA GLY A 161 -17.77 3.60 6.61
C GLY A 161 -18.34 4.61 5.64
N VAL A 162 -17.59 4.97 4.61
CA VAL A 162 -18.13 5.92 3.63
C VAL A 162 -19.17 5.19 2.77
N PRO A 163 -20.36 5.76 2.58
CA PRO A 163 -21.40 5.09 1.76
C PRO A 163 -21.14 5.24 0.27
N VAL A 164 -20.12 4.54 -0.20
CA VAL A 164 -19.73 4.54 -1.61
C VAL A 164 -19.46 3.09 -2.02
N ARG A 165 -19.86 2.74 -3.24
CA ARG A 165 -19.62 1.39 -3.73
C ARG A 165 -18.12 1.12 -3.83
N THR A 166 -17.70 0.00 -3.25
CA THR A 166 -16.31 -0.41 -3.33
C THR A 166 -16.19 -1.88 -3.73
N GLU A 170 -12.75 -9.54 -2.00
CA GLU A 170 -11.44 -9.54 -2.63
C GLU A 170 -10.36 -10.03 -1.66
N VAL A 171 -9.82 -11.21 -1.95
CA VAL A 171 -8.84 -11.84 -1.05
C VAL A 171 -7.46 -11.21 -1.15
N VAL A 172 -7.13 -10.56 -2.26
CA VAL A 172 -5.82 -9.90 -2.40
C VAL A 172 -5.61 -8.89 -1.28
N THR A 173 -6.66 -8.21 -0.83
CA THR A 173 -6.49 -7.26 0.27
C THR A 173 -5.97 -7.94 1.53
N LEU A 174 -6.34 -9.22 1.74
CA LEU A 174 -5.87 -9.91 2.94
C LEU A 174 -4.35 -10.07 2.97
N TRP A 175 -3.71 -10.21 1.81
CA TRP A 175 -2.30 -10.63 1.78
C TRP A 175 -1.40 -9.62 2.44
N TYR A 176 -1.80 -8.36 2.53
CA TYR A 176 -0.94 -7.31 3.05
C TYR A 176 -1.40 -6.78 4.40
N ARG A 177 -2.42 -7.40 5.01
CA ARG A 177 -3.02 -6.92 6.26
C ARG A 177 -2.18 -7.29 7.47
N ALA A 178 -1.89 -6.30 8.31
CA ALA A 178 -1.05 -6.50 9.48
C ALA A 178 -1.74 -7.43 10.48
N PRO A 179 -0.96 -8.17 11.28
CA PRO A 179 -1.59 -9.17 12.16
C PRO A 179 -2.41 -8.55 13.29
N GLU A 180 -2.08 -7.33 13.74
CA GLU A 180 -2.91 -6.71 14.78
C GLU A 180 -4.32 -6.39 14.26
N ILE A 181 -4.46 -6.19 12.95
CA ILE A 181 -5.80 -6.01 12.37
C ILE A 181 -6.53 -7.33 12.33
N LEU A 182 -5.84 -8.38 11.86
CA LEU A 182 -6.44 -9.71 11.80
C LEU A 182 -6.84 -10.21 13.19
N LEU A 183 -6.16 -9.78 14.23
CA LEU A 183 -6.45 -10.25 15.57
C LEU A 183 -7.46 -9.36 16.30
N GLY A 184 -7.97 -8.33 15.63
CA GLY A 184 -9.12 -7.59 16.10
C GLY A 184 -8.84 -6.28 16.78
N CYS A 185 -7.59 -5.81 16.81
CA CYS A 185 -7.23 -4.59 17.52
C CYS A 185 -8.10 -3.42 17.05
N LYS A 186 -8.75 -2.76 18.02
CA LYS A 186 -9.64 -1.66 17.65
C LYS A 186 -8.85 -0.42 17.22
N TYR A 187 -7.86 -0.04 18.02
CA TYR A 187 -7.07 1.18 17.78
C TYR A 187 -5.70 0.76 17.26
N TYR A 188 -5.63 0.42 15.98
CA TYR A 188 -4.35 0.14 15.34
C TYR A 188 -3.64 1.45 15.05
N SER A 189 -2.43 1.37 14.47
CA SER A 189 -1.53 2.52 14.36
C SER A 189 -0.98 2.61 12.94
N THR A 190 -0.16 3.65 12.72
CA THR A 190 0.58 3.79 11.46
C THR A 190 1.42 2.57 11.12
N ALA A 191 1.74 1.74 12.11
CA ALA A 191 2.53 0.55 11.85
C ALA A 191 1.86 -0.42 10.89
N VAL A 192 0.53 -0.36 10.72
CA VAL A 192 -0.09 -1.29 9.77
C VAL A 192 0.44 -1.06 8.38
N ASP A 193 0.79 0.20 8.03
CA ASP A 193 1.30 0.47 6.69
C ASP A 193 2.72 -0.06 6.49
N ILE A 194 3.54 -0.04 7.55
CA ILE A 194 4.91 -0.57 7.44
C ILE A 194 4.88 -2.07 7.23
N TRP A 195 3.95 -2.76 7.91
CA TRP A 195 3.78 -4.19 7.66
C TRP A 195 3.48 -4.46 6.18
N SER A 196 2.46 -3.80 5.64
CA SER A 196 2.11 -3.97 4.24
C SER A 196 3.31 -3.74 3.34
N LEU A 197 4.05 -2.66 3.60
CA LEU A 197 5.20 -2.35 2.75
C LEU A 197 6.28 -3.41 2.90
N GLY A 198 6.47 -3.93 4.11
CA GLY A 198 7.41 -5.03 4.30
C GLY A 198 7.06 -6.24 3.46
N CYS A 199 5.76 -6.58 3.39
CA CYS A 199 5.30 -7.67 2.53
C CYS A 199 5.59 -7.38 1.05
N ILE A 200 5.40 -6.13 0.64
CA ILE A 200 5.67 -5.75 -0.74
C ILE A 200 7.16 -5.80 -1.03
N PHE A 201 8.00 -5.37 -0.07
CA PHE A 201 9.45 -5.50 -0.18
C PHE A 201 9.83 -6.96 -0.48
N ALA A 202 9.36 -7.88 0.36
CA ALA A 202 9.64 -9.30 0.14
C ALA A 202 9.16 -9.76 -1.23
N GLU A 203 8.01 -9.26 -1.67
CA GLU A 203 7.42 -9.70 -2.93
C GLU A 203 8.22 -9.21 -4.14
N MET A 204 8.72 -7.98 -4.09
CA MET A 204 9.61 -7.50 -5.16
C MET A 204 10.86 -8.38 -5.27
N VAL A 205 11.40 -8.81 -4.12
CA VAL A 205 12.66 -9.55 -4.09
C VAL A 205 12.46 -10.97 -4.60
N THR A 206 11.44 -11.66 -4.10
CA THR A 206 11.21 -13.07 -4.42
C THR A 206 10.33 -13.28 -5.63
N ARG A 207 9.62 -12.24 -6.09
CA ARG A 207 8.73 -12.31 -7.24
C ARG A 207 7.50 -13.16 -6.94
N ARG A 208 7.13 -13.24 -5.67
CA ARG A 208 5.92 -13.93 -5.26
C ARG A 208 5.41 -13.27 -3.98
N ALA A 209 4.09 -13.23 -3.85
CA ALA A 209 3.50 -12.67 -2.64
C ALA A 209 3.91 -13.48 -1.42
N LEU A 210 4.17 -12.78 -0.31
CA LEU A 210 4.72 -13.42 0.87
C LEU A 210 3.68 -14.27 1.58
N PHE A 211 2.48 -13.75 1.77
CA PHE A 211 1.43 -14.40 2.57
C PHE A 211 0.11 -14.38 1.79
N PRO A 212 -0.02 -15.23 0.78
CA PRO A 212 -1.26 -15.18 -0.03
C PRO A 212 -2.39 -16.01 0.55
N GLY A 213 -3.00 -15.52 1.64
CA GLY A 213 -4.07 -16.25 2.28
C GLY A 213 -5.40 -16.07 1.58
N ASP A 214 -6.39 -16.89 1.98
CA ASP A 214 -7.71 -16.83 1.36
C ASP A 214 -8.82 -16.52 2.36
N SER A 215 -8.48 -16.24 3.60
CA SER A 215 -9.43 -15.83 4.64
C SER A 215 -8.63 -15.24 5.78
N GLU A 216 -9.31 -14.56 6.71
CA GLU A 216 -8.58 -13.96 7.83
C GLU A 216 -7.81 -15.01 8.63
N ILE A 217 -8.44 -16.17 8.93
CA ILE A 217 -7.72 -17.18 9.71
C ILE A 217 -6.59 -17.79 8.89
N ASP A 218 -6.79 -17.97 7.59
CA ASP A 218 -5.73 -18.54 6.76
C ASP A 218 -4.57 -17.57 6.63
N GLN A 219 -4.89 -16.28 6.52
CA GLN A 219 -3.85 -15.26 6.47
C GLN A 219 -3.02 -15.29 7.74
N LEU A 220 -3.68 -15.37 8.89
CA LEU A 220 -2.97 -15.48 10.16
C LEU A 220 -2.07 -16.71 10.20
N PHE A 221 -2.57 -17.86 9.75
CA PHE A 221 -1.80 -19.08 9.87
C PHE A 221 -0.60 -19.09 8.92
N ARG A 222 -0.75 -18.50 7.73
CA ARG A 222 0.40 -18.36 6.84
C ARG A 222 1.47 -17.47 7.46
N ILE A 223 1.04 -16.38 8.12
CA ILE A 223 1.99 -15.51 8.80
C ILE A 223 2.71 -16.28 9.89
N PHE A 224 1.94 -16.98 10.74
CA PHE A 224 2.51 -17.72 11.87
C PHE A 224 3.50 -18.78 11.41
N ARG A 225 3.16 -19.50 10.33
CA ARG A 225 4.02 -20.56 9.81
C ARG A 225 5.37 -20.03 9.35
N THR A 226 5.42 -18.77 8.92
CA THR A 226 6.67 -18.18 8.45
C THR A 226 7.41 -17.44 9.57
N LEU A 227 6.71 -16.57 10.31
CA LEU A 227 7.37 -15.79 11.35
C LEU A 227 7.29 -16.43 12.73
N GLY A 228 6.62 -17.56 12.86
CA GLY A 228 6.43 -18.16 14.17
C GLY A 228 5.13 -17.70 14.81
N THR A 229 4.50 -18.60 15.56
CA THR A 229 3.30 -18.18 16.27
C THR A 229 3.75 -17.23 17.37
N PRO A 230 3.25 -16.00 17.39
CA PRO A 230 3.67 -15.06 18.43
C PRO A 230 3.21 -15.49 19.81
N ASP A 231 4.00 -15.12 20.81
CA ASP A 231 3.60 -15.33 22.19
C ASP A 231 3.84 -14.06 22.99
N GLU A 232 3.65 -14.10 24.31
CA GLU A 232 3.77 -12.87 25.08
C GLU A 232 5.21 -12.35 25.11
N VAL A 233 6.20 -13.22 24.94
CA VAL A 233 7.59 -12.77 24.94
C VAL A 233 7.87 -11.92 23.69
N VAL A 234 7.40 -12.38 22.53
N VAL A 234 7.40 -12.36 22.52
CA VAL A 234 7.66 -11.68 21.28
CA VAL A 234 7.71 -11.61 21.32
C VAL A 234 6.73 -10.48 21.12
C VAL A 234 6.72 -10.48 21.08
N TRP A 235 5.49 -10.60 21.58
CA TRP A 235 4.45 -9.60 21.34
C TRP A 235 3.63 -9.47 22.61
N PRO A 236 4.08 -8.65 23.56
CA PRO A 236 3.32 -8.47 24.80
C PRO A 236 1.90 -8.05 24.48
N GLY A 237 0.94 -8.74 25.08
CA GLY A 237 -0.47 -8.47 24.87
C GLY A 237 -1.15 -9.30 23.80
N VAL A 238 -0.40 -10.06 22.99
CA VAL A 238 -1.02 -10.76 21.86
C VAL A 238 -2.08 -11.74 22.33
N THR A 239 -1.86 -12.41 23.45
CA THR A 239 -2.80 -13.46 23.83
C THR A 239 -4.10 -12.91 24.42
N SER A 240 -4.22 -11.60 24.58
CA SER A 240 -5.46 -10.98 25.02
C SER A 240 -6.17 -10.21 23.91
N MET A 241 -5.64 -10.24 22.69
CA MET A 241 -6.28 -9.51 21.61
C MET A 241 -7.63 -10.14 21.27
N PRO A 242 -8.59 -9.34 20.79
CA PRO A 242 -9.99 -9.82 20.70
C PRO A 242 -10.15 -11.17 20.04
N ASP A 243 -9.45 -11.43 18.93
CA ASP A 243 -9.64 -12.66 18.19
C ASP A 243 -8.49 -13.64 18.37
N TYR A 244 -7.62 -13.43 19.37
CA TYR A 244 -6.63 -14.44 19.66
C TYR A 244 -7.29 -15.66 20.30
N LYS A 245 -6.84 -16.84 19.86
CA LYS A 245 -7.34 -18.11 20.39
C LYS A 245 -6.14 -18.94 20.82
N PRO A 246 -6.07 -19.39 22.07
CA PRO A 246 -4.98 -20.30 22.46
C PRO A 246 -4.95 -21.58 21.66
N SER A 247 -6.04 -21.93 20.97
CA SER A 247 -6.02 -23.10 20.11
C SER A 247 -5.21 -22.91 18.83
N PHE A 248 -4.66 -21.72 18.59
CA PHE A 248 -3.81 -21.53 17.41
C PHE A 248 -2.67 -22.54 17.44
N PRO A 249 -2.33 -23.16 16.31
CA PRO A 249 -1.13 -24.00 16.26
C PRO A 249 0.13 -23.18 16.55
N LYS A 250 1.15 -23.85 17.08
CA LYS A 250 2.41 -23.21 17.47
C LYS A 250 3.47 -23.63 16.45
N TRP A 251 3.81 -22.70 15.54
CA TRP A 251 4.83 -22.87 14.53
C TRP A 251 6.11 -22.15 14.98
N ALA A 252 7.26 -22.68 14.58
CA ALA A 252 8.53 -22.02 14.84
C ALA A 252 8.88 -21.07 13.69
N ARG A 253 9.64 -20.02 14.02
CA ARG A 253 10.03 -19.05 13.02
C ARG A 253 10.99 -19.64 11.98
N GLN A 254 10.80 -19.28 10.71
CA GLN A 254 11.64 -19.71 9.60
C GLN A 254 12.77 -18.73 9.36
N ASP A 255 13.90 -19.24 8.83
CA ASP A 255 15.02 -18.37 8.51
C ASP A 255 14.75 -17.58 7.24
N PHE A 256 15.12 -16.28 7.26
CA PHE A 256 14.99 -15.45 6.06
C PHE A 256 15.88 -15.91 4.92
N SER A 257 16.90 -16.73 5.19
CA SER A 257 17.66 -17.30 4.08
C SER A 257 16.75 -18.19 3.24
N LYS A 258 15.67 -18.69 3.83
CA LYS A 258 14.67 -19.47 3.12
C LYS A 258 13.51 -18.60 2.65
N VAL A 259 13.09 -17.64 3.47
CA VAL A 259 11.90 -16.85 3.15
C VAL A 259 12.19 -15.84 2.04
N VAL A 260 13.35 -15.20 2.10
CA VAL A 260 13.72 -14.18 1.10
C VAL A 260 15.16 -14.47 0.70
N PRO A 261 15.38 -15.55 -0.06
CA PRO A 261 16.76 -16.03 -0.30
C PRO A 261 17.71 -14.95 -0.82
N PRO A 262 17.31 -14.10 -1.78
CA PRO A 262 18.29 -13.15 -2.35
C PRO A 262 18.77 -12.07 -1.38
N LEU A 263 18.11 -11.82 -0.25
CA LEU A 263 18.52 -10.69 0.57
C LEU A 263 19.78 -11.00 1.37
N ASP A 264 20.62 -9.99 1.57
CA ASP A 264 21.73 -10.11 2.50
C ASP A 264 21.33 -9.57 3.87
N GLU A 265 22.31 -9.46 4.78
CA GLU A 265 22.01 -9.10 6.16
C GLU A 265 21.40 -7.70 6.27
N ASP A 266 21.80 -6.77 5.41
CA ASP A 266 21.19 -5.43 5.44
C ASP A 266 19.73 -5.49 5.05
N GLY A 267 19.42 -6.25 3.99
CA GLY A 267 18.04 -6.44 3.60
C GLY A 267 17.24 -7.21 4.63
N ARG A 268 17.82 -8.29 5.17
CA ARG A 268 17.10 -9.07 6.18
C ARG A 268 16.86 -8.25 7.44
N SER A 269 17.82 -7.40 7.81
CA SER A 269 17.66 -6.54 8.97
C SER A 269 16.46 -5.62 8.80
N LEU A 270 16.40 -4.92 7.67
CA LEU A 270 15.30 -4.00 7.42
C LEU A 270 13.97 -4.74 7.38
N LEU A 271 13.92 -5.86 6.65
CA LEU A 271 12.66 -6.58 6.50
C LEU A 271 12.17 -7.11 7.84
N SER A 272 13.09 -7.63 8.68
CA SER A 272 12.68 -8.11 10.00
C SER A 272 12.14 -6.98 10.87
N GLN A 273 12.63 -5.75 10.69
CA GLN A 273 12.09 -4.64 11.45
C GLN A 273 10.74 -4.20 10.90
N MET A 274 10.48 -4.40 9.61
CA MET A 274 9.18 -4.03 9.06
C MET A 274 8.11 -5.07 9.37
N LEU A 275 8.51 -6.32 9.59
CA LEU A 275 7.58 -7.40 9.87
C LEU A 275 7.60 -7.81 11.33
N HIS A 276 8.04 -6.93 12.21
CA HIS A 276 7.98 -7.20 13.64
C HIS A 276 6.51 -7.37 14.06
N TYR A 277 6.21 -8.45 14.81
CA TYR A 277 4.85 -8.67 15.28
C TYR A 277 4.34 -7.48 16.08
N ASP A 278 5.12 -7.02 17.04
CA ASP A 278 4.65 -5.98 17.95
C ASP A 278 4.61 -4.63 17.22
N PRO A 279 3.44 -4.06 16.99
CA PRO A 279 3.38 -2.75 16.30
C PRO A 279 4.16 -1.66 17.03
N ASN A 280 4.34 -1.78 18.34
CA ASN A 280 5.12 -0.79 19.07
C ASN A 280 6.62 -0.92 18.83
N LYS A 281 7.09 -2.06 18.35
CA LYS A 281 8.49 -2.25 18.02
C LYS A 281 8.76 -2.19 16.53
N ARG A 282 7.73 -2.32 15.71
CA ARG A 282 7.90 -2.27 14.26
C ARG A 282 8.52 -0.93 13.85
N ILE A 283 9.45 -0.97 12.89
CA ILE A 283 10.15 0.25 12.50
C ILE A 283 9.17 1.28 11.92
N SER A 284 9.43 2.56 12.17
CA SER A 284 8.60 3.58 11.54
C SER A 284 9.14 3.89 10.15
N ALA A 285 8.30 4.55 9.34
CA ALA A 285 8.73 4.93 8.00
C ALA A 285 9.95 5.86 8.08
N LYS A 286 9.88 6.84 8.97
CA LYS A 286 10.95 7.80 9.14
C LYS A 286 12.26 7.11 9.48
N ALA A 287 12.23 6.17 10.42
CA ALA A 287 13.44 5.47 10.84
C ALA A 287 13.97 4.54 9.77
N ALA A 288 13.09 3.91 8.98
CA ALA A 288 13.57 2.99 7.96
C ALA A 288 14.35 3.72 6.88
N LEU A 289 14.08 5.02 6.66
CA LEU A 289 14.84 5.78 5.67
C LEU A 289 16.31 5.86 6.05
N ALA A 290 16.64 5.81 7.34
CA ALA A 290 18.04 5.86 7.77
C ALA A 290 18.68 4.48 7.86
N HIS A 291 17.99 3.42 7.46
CA HIS A 291 18.56 2.09 7.56
C HIS A 291 19.76 1.94 6.61
N PRO A 292 20.81 1.23 7.02
CA PRO A 292 21.96 1.00 6.12
C PRO A 292 21.60 0.44 4.76
N PHE A 293 20.52 -0.33 4.64
CA PHE A 293 20.06 -0.83 3.34
C PHE A 293 20.00 0.26 2.28
N PHE A 294 19.72 1.51 2.67
CA PHE A 294 19.56 2.58 1.69
C PHE A 294 20.83 3.42 1.50
N GLN A 295 21.99 2.92 1.95
CA GLN A 295 23.24 3.67 1.80
C GLN A 295 23.52 4.07 0.36
N ASP A 296 23.26 3.17 -0.59
CA ASP A 296 23.60 3.37 -2.00
C ASP A 296 22.37 3.61 -2.86
N VAL A 297 21.27 4.09 -2.27
CA VAL A 297 20.04 4.24 -3.04
C VAL A 297 20.23 5.27 -4.14
N THR A 298 19.76 4.94 -5.34
CA THR A 298 19.77 5.84 -6.48
C THR A 298 18.36 5.98 -7.04
N LYS A 299 18.19 6.65 -8.18
CA LYS A 299 16.87 6.81 -8.80
C LYS A 299 16.92 6.28 -10.22
N PRO A 300 16.92 4.96 -10.39
CA PRO A 300 16.96 4.39 -11.75
C PRO A 300 15.62 4.57 -12.46
N VAL A 301 15.65 4.41 -13.77
CA VAL A 301 14.43 4.45 -14.56
C VAL A 301 14.00 3.02 -14.86
N PRO A 302 12.71 2.71 -14.87
CA PRO A 302 12.27 1.37 -15.23
C PRO A 302 12.28 1.15 -16.73
N HIS A 303 12.31 -0.12 -17.11
CA HIS A 303 12.20 -0.48 -18.52
C HIS A 303 10.83 -1.08 -18.82
C10 N5R B . -9.44 11.57 -2.11
C13 N5R B . -6.72 11.80 -2.83
C15 N5R B . -6.60 9.53 -3.73
C20 N5R B . -5.27 9.74 -4.06
C21 N5R B . -4.64 10.97 -3.79
C22 N5R B . -5.36 12.00 -3.18
C02 N5R B . -13.27 8.18 -1.34
C03 N5R B . -12.30 8.67 -0.50
C04 N5R B . -11.07 9.03 -1.00
C05 N5R B . -13.01 8.04 -2.73
C06 N5R B . -11.78 8.38 -3.22
C07 N5R B . -10.81 8.89 -2.39
C09 N5R B . -8.76 10.49 -2.72
C11 N5R B . -8.77 12.77 -1.85
C12 N5R B . -7.42 12.90 -2.23
C14 N5R B . -7.37 10.61 -3.09
N08 N5R B . -9.48 9.24 -2.98
O17 N5R B . -7.35 7.08 -2.96
O18 N5R B . -6.17 7.32 -5.01
O19 N5R B . -8.47 7.92 -4.86
S16 N5R B . -7.19 7.91 -4.15
CL01 N5R B . -14.79 7.73 -0.69
C10 N5R C . -16.97 12.50 -0.66
C13 N5R C . -14.51 12.25 -1.99
C15 N5R C . -14.16 14.69 -2.13
C20 N5R C . -12.96 14.49 -2.81
C21 N5R C . -12.51 13.18 -3.07
C22 N5R C . -13.26 12.06 -2.68
C02 N5R C . -20.63 16.52 -1.45
C03 N5R C . -20.24 15.38 -2.13
C04 N5R C . -19.01 14.84 -1.91
C05 N5R C . -19.74 17.14 -0.53
C06 N5R C . -18.51 16.59 -0.31
C07 N5R C . -18.14 15.47 -0.98
C09 N5R C . -16.24 13.64 -1.04
C11 N5R C . -16.48 11.21 -0.93
C12 N5R C . -15.26 11.09 -1.62
C14 N5R C . -14.97 13.53 -1.72
N08 N5R C . -16.75 14.96 -0.70
O17 N5R C . -14.85 16.69 -0.48
O18 N5R C . -13.65 17.31 -2.47
O19 N5R C . -15.92 16.63 -2.54
S16 N5R C . -14.62 16.39 -1.87
CL01 N5R C . -22.17 17.21 -1.70
P PO4 D . -6.06 4.16 -8.17
O1 PO4 D . -6.05 4.67 -6.77
O2 PO4 D . -5.78 5.43 -8.93
O3 PO4 D . -4.96 3.14 -8.35
O4 PO4 D . -7.41 3.57 -8.54
C1 EDO E . -4.52 7.16 -11.18
O1 EDO E . -5.15 7.39 -9.91
C2 EDO E . -4.75 5.71 -11.61
O2 EDO E . -4.06 5.42 -12.85
#